data_5ZA0
#
_entry.id   5ZA0
#
_cell.length_a   121.295
_cell.length_b   121.295
_cell.length_c   156.056
_cell.angle_alpha   90.00
_cell.angle_beta   90.00
_cell.angle_gamma   90.00
#
_symmetry.space_group_name_H-M   'I 41 2 2'
#
loop_
_entity.id
_entity.type
_entity.pdbx_description
1 polymer 'Glyceraldehyde-3-phosphate dehydrogenase A'
2 branched alpha-D-glucopyranose-(1-1)-alpha-D-glucopyranose
3 non-polymer 'SULFATE ION'
4 water water
#
_entity_poly.entity_id   1
_entity_poly.type   'polypeptide(L)'
_entity_poly.pdbx_seq_one_letter_code
;MTIKVGINGFGRIGRIVFRAAQKRSDIEIVAINDLLDADYMAYMLKYDSTHGRFDGTVEVKDGHLIVNGKKIRVTAERDP
ANLKWDEVGVDVVAEATGLFLTDETARKHITAGAKKVVMTGPSKDNTPMFVKGANFDKYAGQDIVSNASCTTNCLAPLAK
VINDNFGIIEGLMTTVHATTATQKTVDGPSHKDWRGGRGASQNIIPSSTGAAKAVGKVLPELNGKLTGMAFRVPTPNVSV
VDLTVRLEKAATYEQIKAAVKAAAEGEMKGVLGYTEDDVVSTDFNGEVCTSVFDAKAGIALNDNFVKLVSWYDNETGYSN
KVLDLIAHISK
;
_entity_poly.pdbx_strand_id   A
#
# COMPACT_ATOMS: atom_id res chain seq x y z
N THR A 2 -7.42 -2.06 -22.80
CA THR A 2 -6.71 -1.99 -21.51
C THR A 2 -6.22 -0.58 -21.20
N ILE A 3 -6.09 -0.28 -19.91
CA ILE A 3 -5.42 0.93 -19.45
C ILE A 3 -3.91 0.73 -19.53
N LYS A 4 -3.22 1.63 -20.22
CA LYS A 4 -1.77 1.53 -20.35
C LYS A 4 -1.12 2.29 -19.20
N VAL A 5 -0.21 1.64 -18.51
CA VAL A 5 0.37 2.21 -17.31
C VAL A 5 1.89 2.32 -17.45
N GLY A 6 2.43 3.44 -16.98
CA GLY A 6 3.86 3.60 -16.87
C GLY A 6 4.19 3.62 -15.40
N ILE A 7 5.29 2.97 -15.03
CA ILE A 7 5.73 2.98 -13.63
C ILE A 7 6.96 3.88 -13.52
N ASN A 8 6.89 4.89 -12.64
CA ASN A 8 8.06 5.69 -12.31
C ASN A 8 8.64 5.22 -10.98
N GLY A 9 9.85 4.65 -11.03
CA GLY A 9 10.50 4.10 -9.86
C GLY A 9 10.29 2.59 -9.74
N PHE A 10 11.39 1.85 -9.64
CA PHE A 10 11.34 0.39 -9.65
C PHE A 10 11.89 -0.16 -8.32
N GLY A 11 11.47 0.47 -7.23
CA GLY A 11 11.76 0.01 -5.86
C GLY A 11 10.77 -1.09 -5.49
N ARG A 12 10.60 -1.37 -4.20
CA ARG A 12 9.80 -2.54 -3.81
C ARG A 12 8.37 -2.38 -4.34
N ILE A 13 7.78 -1.20 -4.13
CA ILE A 13 6.41 -0.99 -4.59
C ILE A 13 6.31 -1.07 -6.12
N GLY A 14 7.22 -0.41 -6.84
CA GLY A 14 7.18 -0.45 -8.31
C GLY A 14 7.26 -1.88 -8.85
N ARG A 15 8.12 -2.69 -8.25
CA ARG A 15 8.36 -4.04 -8.73
C ARG A 15 7.20 -5.01 -8.38
N ILE A 16 6.56 -4.78 -7.25
CA ILE A 16 5.45 -5.66 -6.81
C ILE A 16 4.16 -5.21 -7.51
N VAL A 17 4.02 -3.92 -7.75
CA VAL A 17 2.97 -3.44 -8.66
C VAL A 17 3.11 -4.13 -10.02
N PHE A 18 4.34 -4.14 -10.56
CA PHE A 18 4.58 -4.77 -11.85
C PHE A 18 4.12 -6.24 -11.85
N ARG A 19 4.55 -7.01 -10.85
CA ARG A 19 4.16 -8.42 -10.74
C ARG A 19 2.65 -8.60 -10.60
N ALA A 20 2.05 -7.85 -9.69
CA ALA A 20 0.59 -7.90 -9.49
C ALA A 20 -0.21 -7.53 -10.76
N ALA A 21 0.34 -6.68 -11.62
CA ALA A 21 -0.35 -6.29 -12.85
C ALA A 21 -0.48 -7.44 -13.86
N GLN A 22 0.47 -8.38 -13.82
CA GLN A 22 0.52 -9.41 -14.86
C GLN A 22 -0.75 -10.25 -14.93
N LYS A 23 -1.38 -10.50 -13.78
CA LYS A 23 -2.62 -11.29 -13.75
C LYS A 23 -3.87 -10.50 -14.16
N ARG A 24 -3.77 -9.18 -14.25
CA ARG A 24 -4.96 -8.39 -14.57
C ARG A 24 -5.24 -8.33 -16.07
N SER A 25 -6.51 -8.20 -16.43
CA SER A 25 -6.86 -8.04 -17.83
C SER A 25 -7.18 -6.58 -18.15
N ASP A 26 -7.37 -5.76 -17.13
CA ASP A 26 -7.84 -4.39 -17.38
C ASP A 26 -6.70 -3.40 -17.59
N ILE A 27 -5.48 -3.81 -17.24
CA ILE A 27 -4.31 -2.94 -17.21
C ILE A 27 -3.11 -3.64 -17.81
N GLU A 28 -2.29 -2.91 -18.59
CA GLU A 28 -0.99 -3.40 -19.04
C GLU A 28 0.11 -2.38 -18.71
N ILE A 29 1.21 -2.86 -18.13
CA ILE A 29 2.38 -2.00 -17.92
C ILE A 29 3.12 -1.90 -19.25
N VAL A 30 3.36 -0.68 -19.75
CA VAL A 30 4.03 -0.57 -21.04
C VAL A 30 5.38 0.13 -20.95
N ALA A 31 5.75 0.61 -19.77
CA ALA A 31 6.96 1.40 -19.62
C ALA A 31 7.38 1.50 -18.16
N ILE A 32 8.69 1.46 -17.93
CA ILE A 32 9.24 1.64 -16.59
C ILE A 32 10.38 2.66 -16.68
N ASN A 33 10.43 3.57 -15.72
CA ASN A 33 11.52 4.56 -15.65
C ASN A 33 12.17 4.50 -14.27
N ASP A 34 13.50 4.39 -14.24
CA ASP A 34 14.28 4.46 -13.00
C ASP A 34 15.76 4.55 -13.38
N LEU A 35 16.62 4.88 -12.42
CA LEU A 35 18.06 4.96 -12.73
C LEU A 35 18.66 3.56 -12.58
N LEU A 36 18.30 2.69 -13.54
CA LEU A 36 18.77 1.30 -13.59
C LEU A 36 18.84 0.89 -15.05
N ASP A 37 19.87 0.13 -15.40
CA ASP A 37 19.98 -0.51 -16.72
C ASP A 37 18.81 -1.44 -16.96
N ALA A 38 18.49 -1.70 -18.21
CA ALA A 38 17.51 -2.75 -18.51
C ALA A 38 17.97 -4.11 -17.95
N ASP A 39 19.24 -4.43 -18.06
CA ASP A 39 19.72 -5.75 -17.57
C ASP A 39 19.53 -5.86 -16.05
N TYR A 40 19.78 -4.77 -15.35
CA TYR A 40 19.64 -4.76 -13.90
C TYR A 40 18.16 -4.79 -13.51
N MET A 41 17.33 -4.04 -14.23
CA MET A 41 15.88 -4.15 -14.04
C MET A 41 15.40 -5.58 -14.19
N ALA A 42 15.86 -6.25 -15.23
CA ALA A 42 15.43 -7.63 -15.50
C ALA A 42 15.83 -8.53 -14.32
N TYR A 43 17.04 -8.33 -13.81
CA TYR A 43 17.53 -9.09 -12.66
C TYR A 43 16.64 -8.90 -11.43
N MET A 44 16.29 -7.65 -11.14
CA MET A 44 15.49 -7.34 -9.96
C MET A 44 14.07 -7.89 -10.08
N LEU A 45 13.57 -7.94 -11.30
CA LEU A 45 12.25 -8.52 -11.57
C LEU A 45 12.27 -10.06 -11.42
N LYS A 46 13.30 -10.70 -11.97
CA LYS A 46 13.38 -12.17 -12.01
C LYS A 46 13.50 -12.79 -10.62
N TYR A 47 14.33 -12.18 -9.76
CA TYR A 47 14.66 -12.80 -8.46
C TYR A 47 14.21 -11.89 -7.35
N ASP A 48 13.46 -12.43 -6.40
CA ASP A 48 12.97 -11.64 -5.28
C ASP A 48 13.11 -12.45 -4.00
N SER A 49 13.79 -11.90 -2.99
CA SER A 49 14.08 -12.69 -1.79
C SER A 49 12.79 -13.03 -1.07
N THR A 50 11.84 -12.10 -1.10
CA THR A 50 10.61 -12.23 -0.33
C THR A 50 9.55 -13.02 -1.09
N HIS A 51 9.43 -12.73 -2.40
CA HIS A 51 8.32 -13.29 -3.17
C HIS A 51 8.72 -14.34 -4.19
N GLY A 52 9.99 -14.73 -4.19
CA GLY A 52 10.43 -15.82 -5.07
C GLY A 52 10.62 -15.40 -6.52
N ARG A 53 10.86 -16.39 -7.39
CA ARG A 53 11.13 -16.13 -8.80
C ARG A 53 9.92 -15.60 -9.56
N PHE A 54 10.16 -14.69 -10.49
CA PHE A 54 9.08 -14.16 -11.34
C PHE A 54 8.36 -15.30 -12.06
N ASP A 55 7.04 -15.28 -12.05
CA ASP A 55 6.25 -16.31 -12.73
C ASP A 55 6.01 -15.97 -14.20
N GLY A 56 6.97 -16.28 -15.05
CA GLY A 56 6.86 -15.84 -16.44
C GLY A 56 8.24 -15.65 -17.03
N THR A 57 8.30 -15.05 -18.23
CA THR A 57 9.55 -14.90 -18.95
C THR A 57 10.00 -13.44 -18.96
N VAL A 58 11.33 -13.26 -18.86
CA VAL A 58 11.94 -11.93 -18.86
C VAL A 58 13.14 -11.97 -19.78
N GLU A 59 13.17 -11.11 -20.80
CA GLU A 59 14.34 -11.00 -21.67
C GLU A 59 14.70 -9.51 -21.85
N VAL A 60 15.97 -9.23 -22.14
CA VAL A 60 16.38 -7.87 -22.46
C VAL A 60 16.70 -7.87 -23.95
N LYS A 61 16.12 -6.93 -24.69
CA LYS A 61 16.42 -6.79 -26.12
C LYS A 61 16.51 -5.33 -26.49
N ASP A 62 17.63 -4.93 -27.10
CA ASP A 62 17.82 -3.57 -27.59
C ASP A 62 17.60 -2.54 -26.47
N GLY A 63 18.10 -2.86 -25.28
CA GLY A 63 18.03 -1.94 -24.15
C GLY A 63 16.66 -1.78 -23.51
N HIS A 64 15.70 -2.57 -23.97
CA HIS A 64 14.37 -2.58 -23.35
C HIS A 64 14.03 -3.99 -22.87
N LEU A 65 12.86 -4.14 -22.24
CA LEU A 65 12.48 -5.43 -21.65
C LEU A 65 11.42 -6.11 -22.49
N ILE A 66 11.45 -7.43 -22.54
CA ILE A 66 10.33 -8.18 -23.08
C ILE A 66 9.83 -9.09 -21.98
N VAL A 67 8.63 -8.82 -21.49
CA VAL A 67 8.07 -9.59 -20.36
C VAL A 67 6.78 -10.31 -20.76
N ASN A 68 6.78 -11.63 -20.57
CA ASN A 68 5.69 -12.46 -21.06
C ASN A 68 5.34 -12.07 -22.48
N GLY A 69 6.39 -11.98 -23.29
CA GLY A 69 6.27 -11.69 -24.71
C GLY A 69 5.85 -10.26 -25.05
N LYS A 70 5.73 -9.39 -24.06
CA LYS A 70 5.32 -8.01 -24.33
C LYS A 70 6.47 -7.02 -24.14
N LYS A 71 6.63 -6.11 -25.11
CA LYS A 71 7.69 -5.10 -25.05
C LYS A 71 7.37 -3.99 -24.04
N ILE A 72 8.36 -3.64 -23.23
CA ILE A 72 8.20 -2.63 -22.19
C ILE A 72 9.35 -1.62 -22.35
N ARG A 73 9.02 -0.35 -22.55
CA ARG A 73 10.05 0.66 -22.79
C ARG A 73 10.74 0.97 -21.48
N VAL A 74 12.07 1.00 -21.51
CA VAL A 74 12.86 1.28 -20.32
C VAL A 74 13.63 2.59 -20.51
N THR A 75 13.49 3.51 -19.57
CA THR A 75 14.16 4.79 -19.67
C THR A 75 14.80 5.12 -18.33
N ALA A 76 15.66 6.13 -18.32
CA ALA A 76 16.32 6.56 -17.09
C ALA A 76 16.34 8.08 -16.96
N GLU A 77 15.15 8.67 -16.99
CA GLU A 77 15.03 10.13 -16.92
C GLU A 77 14.82 10.61 -15.49
N ARG A 78 15.66 11.54 -15.07
CA ARG A 78 15.56 12.15 -13.75
C ARG A 78 14.37 13.12 -13.65
N ASP A 79 14.06 13.78 -14.76
CA ASP A 79 13.03 14.81 -14.78
C ASP A 79 11.71 14.29 -15.37
N PRO A 80 10.65 14.19 -14.54
CA PRO A 80 9.38 13.61 -14.99
C PRO A 80 8.81 14.27 -16.24
N ALA A 81 9.04 15.57 -16.40
CA ALA A 81 8.54 16.29 -17.58
C ALA A 81 9.15 15.76 -18.89
N ASN A 82 10.24 15.01 -18.78
CA ASN A 82 10.95 14.54 -19.96
C ASN A 82 10.63 13.09 -20.31
N LEU A 83 9.61 12.53 -19.67
CA LEU A 83 9.34 11.08 -19.75
C LEU A 83 8.72 10.60 -21.06
N LYS A 84 8.17 11.54 -21.84
CA LYS A 84 7.61 11.20 -23.14
C LYS A 84 6.62 10.03 -23.03
N TRP A 85 5.70 10.14 -22.04
CA TRP A 85 4.72 9.10 -21.81
C TRP A 85 3.77 8.91 -23.00
N ASP A 86 3.53 9.98 -23.74
CA ASP A 86 2.60 9.88 -24.88
C ASP A 86 3.17 8.99 -25.99
N GLU A 87 4.50 8.88 -26.05
CA GLU A 87 5.13 8.08 -27.10
C GLU A 87 4.82 6.59 -26.98
N VAL A 88 4.51 6.14 -25.77
CA VAL A 88 4.10 4.74 -25.56
C VAL A 88 2.62 4.61 -25.18
N GLY A 89 1.87 5.70 -25.35
CA GLY A 89 0.43 5.71 -25.09
C GLY A 89 0.00 5.46 -23.64
N VAL A 90 0.80 5.91 -22.69
CA VAL A 90 0.47 5.74 -21.28
C VAL A 90 -0.75 6.55 -20.88
N ASP A 91 -1.72 5.88 -20.23
CA ASP A 91 -2.93 6.54 -19.70
C ASP A 91 -2.68 7.05 -18.28
N VAL A 92 -2.13 6.17 -17.44
CA VAL A 92 -1.98 6.49 -16.02
C VAL A 92 -0.56 6.17 -15.56
N VAL A 93 0.03 7.05 -14.78
CA VAL A 93 1.36 6.80 -14.21
C VAL A 93 1.25 6.34 -12.75
N ALA A 94 1.92 5.24 -12.42
CA ALA A 94 2.08 4.83 -11.05
C ALA A 94 3.36 5.49 -10.56
N GLU A 95 3.22 6.52 -9.73
CA GLU A 95 4.38 7.32 -9.31
C GLU A 95 4.92 6.76 -8.01
N ALA A 96 5.99 5.98 -8.13
CA ALA A 96 6.47 5.13 -7.03
C ALA A 96 7.90 5.43 -6.62
N THR A 97 8.42 6.61 -6.97
CA THR A 97 9.78 6.96 -6.55
C THR A 97 9.87 7.46 -5.11
N GLY A 98 8.76 7.95 -4.56
CA GLY A 98 8.80 8.58 -3.25
C GLY A 98 9.21 10.05 -3.29
N LEU A 99 9.60 10.54 -4.47
CA LEU A 99 10.14 11.91 -4.62
C LEU A 99 9.15 12.97 -5.11
N PHE A 100 8.03 12.54 -5.68
CA PHE A 100 7.11 13.47 -6.32
C PHE A 100 5.69 13.36 -5.75
N LEU A 101 5.55 13.69 -4.48
CA LEU A 101 4.28 13.53 -3.76
C LEU A 101 3.49 14.84 -3.59
N THR A 102 3.74 15.81 -4.47
CA THR A 102 2.91 17.01 -4.51
C THR A 102 2.30 17.19 -5.90
N ASP A 103 1.32 18.09 -6.00
CA ASP A 103 0.71 18.37 -7.28
C ASP A 103 1.73 18.93 -8.27
N GLU A 104 2.52 19.91 -7.83
CA GLU A 104 3.53 20.55 -8.69
C GLU A 104 4.46 19.52 -9.32
N THR A 105 5.02 18.65 -8.49
CA THR A 105 5.97 17.64 -8.98
C THR A 105 5.32 16.55 -9.83
N ALA A 106 4.29 15.91 -9.28
CA ALA A 106 3.58 14.83 -9.99
C ALA A 106 2.93 15.25 -11.30
N ARG A 107 2.47 16.50 -11.38
CA ARG A 107 1.77 17.01 -12.55
C ARG A 107 2.64 16.97 -13.80
N LYS A 108 3.97 16.96 -13.58
CA LYS A 108 4.94 16.90 -14.68
C LYS A 108 4.74 15.65 -15.53
N HIS A 109 4.20 14.59 -14.92
CA HIS A 109 3.80 13.39 -15.68
C HIS A 109 2.71 13.73 -16.69
N ILE A 110 1.81 14.64 -16.32
CA ILE A 110 0.74 15.01 -17.22
C ILE A 110 1.24 15.95 -18.32
N THR A 111 2.20 16.81 -17.96
CA THR A 111 2.84 17.68 -18.97
C THR A 111 3.53 16.80 -20.02
N ALA A 112 4.05 15.64 -19.57
CA ALA A 112 4.80 14.75 -20.45
C ALA A 112 3.91 13.81 -21.26
N GLY A 113 2.58 13.96 -21.15
CA GLY A 113 1.64 13.17 -21.97
C GLY A 113 0.73 12.13 -21.30
N ALA A 114 0.91 11.90 -19.99
CA ALA A 114 0.00 11.02 -19.23
C ALA A 114 -1.32 11.73 -18.97
N LYS A 115 -2.39 10.96 -18.74
CA LYS A 115 -3.70 11.56 -18.46
C LYS A 115 -3.90 11.71 -16.95
N LYS A 116 -3.49 10.68 -16.19
CA LYS A 116 -3.60 10.73 -14.73
C LYS A 116 -2.42 10.09 -14.00
N VAL A 117 -2.34 10.36 -12.71
CA VAL A 117 -1.25 9.90 -11.87
C VAL A 117 -1.75 9.37 -10.53
N VAL A 118 -1.24 8.21 -10.14
CA VAL A 118 -1.47 7.67 -8.81
C VAL A 118 -0.16 7.66 -8.05
N MET A 119 -0.06 8.47 -7.00
CA MET A 119 1.07 8.36 -6.09
C MET A 119 0.93 7.10 -5.22
N THR A 120 2.03 6.35 -5.10
CA THR A 120 2.05 5.14 -4.30
C THR A 120 2.58 5.42 -2.89
N GLY A 121 2.18 6.56 -2.34
CA GLY A 121 2.48 6.92 -0.96
C GLY A 121 1.60 8.09 -0.59
N PRO A 122 1.54 8.44 0.70
CA PRO A 122 0.70 9.57 1.12
C PRO A 122 1.17 10.87 0.45
N SER A 123 0.23 11.66 -0.04
CA SER A 123 0.57 12.94 -0.64
C SER A 123 1.13 13.86 0.45
N LYS A 124 1.97 14.81 0.04
CA LYS A 124 2.56 15.74 1.00
C LYS A 124 1.86 17.10 0.96
N ASP A 125 0.94 17.28 0.02
CA ASP A 125 0.08 18.47 -0.01
C ASP A 125 -1.38 18.03 0.06
N ASN A 126 -2.27 18.84 -0.50
CA ASN A 126 -3.71 18.56 -0.43
C ASN A 126 -4.20 17.54 -1.46
N THR A 127 -3.29 16.92 -2.20
CA THR A 127 -3.68 15.91 -3.19
C THR A 127 -4.54 14.86 -2.47
N PRO A 128 -5.71 14.53 -3.03
CA PRO A 128 -6.60 13.66 -2.24
C PRO A 128 -6.11 12.22 -2.16
N MET A 129 -6.35 11.57 -1.03
CA MET A 129 -6.02 10.17 -0.84
C MET A 129 -7.27 9.28 -0.91
N PHE A 130 -7.10 8.07 -1.43
CA PHE A 130 -8.20 7.15 -1.59
C PHE A 130 -7.78 5.77 -1.10
N VAL A 131 -8.66 5.08 -0.37
CA VAL A 131 -8.35 3.77 0.18
C VAL A 131 -9.54 2.84 -0.14
N LYS A 132 -9.27 1.74 -0.83
CA LYS A 132 -10.34 0.85 -1.25
C LYS A 132 -11.01 0.26 -0.02
N GLY A 133 -12.34 0.25 -0.06
CA GLY A 133 -13.08 -0.18 1.11
C GLY A 133 -13.50 1.02 1.95
N ALA A 134 -12.76 2.12 1.86
CA ALA A 134 -13.08 3.32 2.66
C ALA A 134 -13.74 4.44 1.86
N ASN A 135 -13.14 4.84 0.74
CA ASN A 135 -13.63 6.02 0.04
C ASN A 135 -13.37 6.10 -1.47
N PHE A 136 -13.14 4.97 -2.14
CA PHE A 136 -13.05 5.00 -3.61
C PHE A 136 -14.30 5.66 -4.19
N ASP A 137 -15.43 5.47 -3.51
CA ASP A 137 -16.69 6.01 -4.02
C ASP A 137 -16.75 7.55 -3.96
N LYS A 138 -15.76 8.16 -3.32
CA LYS A 138 -15.72 9.63 -3.21
C LYS A 138 -14.87 10.24 -4.32
N TYR A 139 -14.20 9.40 -5.12
CA TYR A 139 -13.42 9.92 -6.26
C TYR A 139 -14.28 10.80 -7.16
N ALA A 140 -13.77 11.99 -7.47
CA ALA A 140 -14.54 13.00 -8.18
C ALA A 140 -13.86 13.47 -9.47
N GLY A 141 -13.19 12.54 -10.15
CA GLY A 141 -12.59 12.79 -11.44
C GLY A 141 -11.26 13.52 -11.42
N GLN A 142 -10.65 13.66 -10.25
CA GLN A 142 -9.35 14.35 -10.17
C GLN A 142 -8.23 13.65 -10.95
N ASP A 143 -7.34 14.41 -11.59
CA ASP A 143 -6.31 13.80 -12.45
C ASP A 143 -5.06 13.29 -11.68
N ILE A 144 -4.91 13.72 -10.43
CA ILE A 144 -3.80 13.28 -9.62
C ILE A 144 -4.32 12.86 -8.24
N VAL A 145 -3.99 11.63 -7.84
CA VAL A 145 -4.50 11.10 -6.58
C VAL A 145 -3.40 10.29 -5.89
N SER A 146 -3.67 9.91 -4.64
CA SER A 146 -2.74 9.13 -3.85
C SER A 146 -3.49 7.93 -3.28
N ASN A 147 -2.82 6.78 -3.20
CA ASN A 147 -3.40 5.57 -2.59
C ASN A 147 -3.06 5.49 -1.10
N ALA A 148 -2.67 6.61 -0.50
CA ALA A 148 -2.27 6.66 0.91
C ALA A 148 -1.08 5.73 1.16
N SER A 149 -1.04 5.08 2.34
CA SER A 149 0.04 4.16 2.68
C SER A 149 -0.48 2.76 3.00
N CYS A 150 0.45 1.80 3.10
CA CYS A 150 0.09 0.42 3.43
C CYS A 150 -0.63 0.32 4.76
N THR A 151 -0.11 0.98 5.80
CA THR A 151 -0.76 0.94 7.12
C THR A 151 -2.17 1.54 7.09
N THR A 152 -2.35 2.65 6.38
CA THR A 152 -3.70 3.24 6.23
C THR A 152 -4.66 2.28 5.51
N ASN A 153 -4.14 1.56 4.52
CA ASN A 153 -4.96 0.57 3.80
C ASN A 153 -5.38 -0.61 4.70
N CYS A 154 -4.57 -0.90 5.72
CA CYS A 154 -4.99 -1.90 6.71
C CYS A 154 -5.98 -1.32 7.72
N LEU A 155 -5.67 -0.15 8.29
CA LEU A 155 -6.47 0.40 9.38
C LEU A 155 -7.84 0.93 8.92
N ALA A 156 -7.90 1.59 7.78
CA ALA A 156 -9.14 2.26 7.41
C ALA A 156 -10.33 1.32 7.16
N PRO A 157 -10.11 0.23 6.40
CA PRO A 157 -11.30 -0.64 6.17
C PRO A 157 -11.80 -1.22 7.51
N LEU A 158 -10.89 -1.66 8.38
CA LEU A 158 -11.33 -2.20 9.67
C LEU A 158 -12.01 -1.14 10.50
N ALA A 159 -11.39 0.04 10.59
CA ALA A 159 -12.01 1.16 11.33
C ALA A 159 -13.40 1.50 10.84
N LYS A 160 -13.60 1.51 9.53
CA LYS A 160 -14.92 1.79 8.99
C LYS A 160 -15.96 0.77 9.44
N VAL A 161 -15.62 -0.52 9.37
CA VAL A 161 -16.59 -1.56 9.80
C VAL A 161 -16.97 -1.36 11.26
N ILE A 162 -15.96 -1.15 12.09
CA ILE A 162 -16.18 -1.00 13.53
C ILE A 162 -16.98 0.25 13.83
N ASN A 163 -16.62 1.36 13.19
CA ASN A 163 -17.32 2.61 13.45
C ASN A 163 -18.78 2.55 12.95
N ASP A 164 -18.98 1.99 11.76
CA ASP A 164 -20.31 1.92 11.16
C ASP A 164 -21.27 1.07 12.02
N ASN A 165 -20.74 0.04 12.65
CA ASN A 165 -21.57 -0.90 13.41
C ASN A 165 -21.71 -0.52 14.88
N PHE A 166 -20.65 0.00 15.49
CA PHE A 166 -20.63 0.22 16.94
C PHE A 166 -20.26 1.65 17.39
N GLY A 167 -19.65 2.44 16.49
CA GLY A 167 -19.31 3.84 16.82
C GLY A 167 -17.99 3.90 17.57
N ILE A 168 -16.93 4.35 16.90
CA ILE A 168 -15.66 4.53 17.58
C ILE A 168 -15.67 5.89 18.29
N ILE A 169 -15.58 5.88 19.61
CA ILE A 169 -15.47 7.13 20.36
C ILE A 169 -14.03 7.63 20.23
N GLU A 170 -13.09 6.72 20.43
CA GLU A 170 -11.68 7.04 20.36
C GLU A 170 -10.90 5.75 20.19
N GLY A 171 -9.76 5.81 19.51
CA GLY A 171 -8.87 4.65 19.34
C GLY A 171 -7.39 5.03 19.25
N LEU A 172 -6.54 4.09 19.63
CA LEU A 172 -5.10 4.27 19.53
C LEU A 172 -4.57 3.01 18.89
N MET A 173 -3.67 3.18 17.94
CA MET A 173 -3.20 2.06 17.15
C MET A 173 -1.70 1.89 17.28
N THR A 174 -1.27 0.65 17.23
CA THR A 174 0.13 0.32 17.05
C THR A 174 0.24 -0.55 15.82
N THR A 175 1.20 -0.27 14.95
CA THR A 175 1.57 -1.28 13.98
C THR A 175 2.92 -1.93 14.30
N VAL A 176 2.95 -3.26 14.35
CA VAL A 176 4.20 -3.99 14.48
C VAL A 176 4.59 -4.29 13.03
N HIS A 177 5.66 -3.65 12.57
CA HIS A 177 5.84 -3.46 11.14
C HIS A 177 7.17 -4.08 10.68
N ALA A 178 7.15 -4.77 9.54
CA ALA A 178 8.35 -5.35 8.97
C ALA A 178 9.39 -4.26 8.66
N THR A 179 10.65 -4.67 8.66
CA THR A 179 11.76 -3.83 8.23
C THR A 179 11.54 -3.36 6.80
N THR A 180 11.90 -2.13 6.47
CA THR A 180 11.80 -1.64 5.09
C THR A 180 13.13 -1.11 4.58
N ALA A 181 13.09 -0.67 3.32
CA ALA A 181 14.27 -0.16 2.61
C ALA A 181 14.89 1.11 3.22
N THR A 182 14.11 1.88 3.98
CA THR A 182 14.62 3.13 4.58
C THR A 182 15.52 2.85 5.78
N GLN A 183 15.51 1.59 6.26
CA GLN A 183 16.27 1.22 7.44
C GLN A 183 17.71 0.81 7.09
N LYS A 184 18.52 0.47 8.10
CA LYS A 184 19.96 0.23 7.91
C LYS A 184 20.32 -1.18 8.42
N THR A 185 21.32 -1.82 7.81
CA THR A 185 21.66 -3.20 8.19
C THR A 185 22.44 -3.22 9.52
N VAL A 186 23.25 -2.21 9.75
CA VAL A 186 23.95 -2.03 11.03
C VAL A 186 23.81 -0.55 11.40
N ASP A 187 24.04 -0.19 12.66
CA ASP A 187 23.83 1.20 13.09
C ASP A 187 24.50 2.16 12.12
N GLY A 188 23.73 3.05 11.47
CA GLY A 188 24.34 4.02 10.51
C GLY A 188 23.57 5.32 10.50
N PRO A 189 23.95 6.28 9.63
CA PRO A 189 23.39 7.64 9.71
C PRO A 189 21.96 7.71 9.23
N SER A 190 21.12 8.42 9.96
CA SER A 190 19.71 8.58 9.60
C SER A 190 19.30 9.91 10.26
N HIS A 191 19.72 11.01 9.64
CA HIS A 191 19.76 12.32 10.28
C HIS A 191 18.40 12.78 10.79
N LYS A 192 17.36 12.41 10.05
CA LYS A 192 16.00 12.88 10.38
C LYS A 192 15.20 11.85 11.19
N ASP A 193 15.79 10.70 11.50
CA ASP A 193 15.08 9.64 12.24
C ASP A 193 16.15 8.81 12.95
N TRP A 194 16.58 9.26 14.12
CA TRP A 194 17.76 8.64 14.72
C TRP A 194 17.53 7.16 15.01
N ARG A 195 16.36 6.81 15.56
CA ARG A 195 16.13 5.41 15.92
C ARG A 195 16.14 4.55 14.65
N GLY A 196 15.62 5.10 13.56
CA GLY A 196 15.51 4.35 12.30
C GLY A 196 16.87 4.13 11.64
N GLY A 197 17.93 4.70 12.17
CA GLY A 197 19.26 4.37 11.67
C GLY A 197 19.89 3.17 12.37
N ARG A 198 19.28 2.72 13.47
CA ARG A 198 19.86 1.64 14.27
C ARG A 198 19.66 0.29 13.56
N GLY A 199 20.61 -0.63 13.75
CA GLY A 199 20.61 -1.90 12.99
C GLY A 199 19.26 -2.62 13.01
N ALA A 200 18.70 -2.85 11.82
CA ALA A 200 17.31 -3.33 11.75
C ALA A 200 17.15 -4.78 12.22
N SER A 201 18.13 -5.64 11.93
CA SER A 201 18.00 -7.07 12.30
C SER A 201 18.18 -7.27 13.79
N GLN A 202 18.70 -6.27 14.50
CA GLN A 202 19.03 -6.44 15.91
C GLN A 202 17.97 -5.93 16.87
N ASN A 203 17.02 -5.14 16.37
CA ASN A 203 16.25 -4.24 17.25
C ASN A 203 14.75 -4.23 17.04
N ILE A 204 14.01 -4.01 18.13
CA ILE A 204 12.67 -3.45 18.02
C ILE A 204 12.88 -1.92 18.00
N ILE A 205 12.34 -1.22 17.01
CA ILE A 205 12.61 0.21 16.84
C ILE A 205 11.29 1.00 16.78
N PRO A 206 10.97 1.80 17.82
CA PRO A 206 9.81 2.69 17.78
C PRO A 206 9.93 3.64 16.61
N SER A 207 8.80 3.87 15.95
CA SER A 207 8.80 4.72 14.77
C SER A 207 7.47 5.47 14.65
N SER A 208 7.48 6.59 13.94
CA SER A 208 6.26 7.39 13.79
C SER A 208 5.47 6.84 12.65
N THR A 209 4.18 7.14 12.66
CA THR A 209 3.35 6.84 11.52
C THR A 209 2.21 7.88 11.47
N GLY A 210 1.89 8.34 10.27
CA GLY A 210 0.80 9.31 10.10
C GLY A 210 -0.50 8.57 9.80
N ALA A 211 -0.44 7.24 9.80
CA ALA A 211 -1.52 6.41 9.27
C ALA A 211 -2.84 6.62 9.98
N ALA A 212 -2.84 6.65 11.30
CA ALA A 212 -4.09 6.67 12.02
C ALA A 212 -4.78 7.98 11.76
N LYS A 213 -3.99 9.05 11.75
CA LYS A 213 -4.47 10.38 11.46
C LYS A 213 -4.93 10.49 10.01
N ALA A 214 -4.19 9.87 9.08
CA ALA A 214 -4.59 9.84 7.67
C ALA A 214 -5.94 9.14 7.46
N VAL A 215 -6.31 8.27 8.40
CA VAL A 215 -7.62 7.62 8.33
C VAL A 215 -8.68 8.70 8.37
N GLY A 216 -8.41 9.74 9.16
CA GLY A 216 -9.33 10.86 9.29
C GLY A 216 -9.50 11.62 8.00
N LYS A 217 -8.58 11.41 7.06
CA LYS A 217 -8.69 12.06 5.77
C LYS A 217 -9.55 11.24 4.81
N VAL A 218 -9.40 9.93 4.80
CA VAL A 218 -10.26 9.09 3.94
C VAL A 218 -11.63 8.79 4.55
N LEU A 219 -11.72 8.86 5.87
CA LEU A 219 -13.00 8.71 6.58
C LEU A 219 -13.18 9.93 7.48
N PRO A 220 -13.68 11.05 6.93
CA PRO A 220 -13.80 12.29 7.72
C PRO A 220 -14.54 12.11 9.06
N GLU A 221 -15.50 11.18 9.12
CA GLU A 221 -16.22 10.94 10.37
C GLU A 221 -15.29 10.51 11.50
N LEU A 222 -14.09 10.03 11.17
CA LEU A 222 -13.12 9.62 12.18
C LEU A 222 -11.98 10.66 12.43
N ASN A 223 -12.11 11.81 11.80
CA ASN A 223 -11.10 12.87 11.96
C ASN A 223 -10.96 13.18 13.46
N GLY A 224 -9.72 13.16 13.96
CA GLY A 224 -9.46 13.48 15.37
C GLY A 224 -9.69 12.35 16.40
N LYS A 225 -10.18 11.19 15.95
CA LYS A 225 -10.59 10.16 16.91
C LYS A 225 -9.58 9.00 16.99
N LEU A 226 -8.57 9.01 16.12
CA LEU A 226 -7.59 7.91 16.07
C LEU A 226 -6.20 8.45 15.89
N THR A 227 -5.25 7.90 16.63
CA THR A 227 -3.83 8.17 16.32
C THR A 227 -3.03 6.93 16.67
N GLY A 228 -1.72 6.95 16.46
CA GLY A 228 -0.96 5.73 16.67
C GLY A 228 0.54 5.87 16.52
N MET A 229 1.24 4.73 16.56
CA MET A 229 2.69 4.71 16.50
C MET A 229 3.06 3.36 15.89
N ALA A 230 4.35 3.13 15.65
CA ALA A 230 4.79 1.88 15.06
C ALA A 230 5.98 1.31 15.85
N PHE A 231 6.19 -0.01 15.76
CA PHE A 231 7.47 -0.62 16.10
C PHE A 231 7.95 -1.40 14.88
N ARG A 232 9.13 -1.07 14.37
CA ARG A 232 9.77 -1.84 13.31
C ARG A 232 10.52 -3.01 13.93
N VAL A 233 10.33 -4.21 13.37
CA VAL A 233 10.91 -5.44 13.93
C VAL A 233 11.65 -6.22 12.83
N PRO A 234 12.49 -7.18 13.22
CA PRO A 234 13.34 -7.85 12.24
C PRO A 234 12.65 -8.93 11.43
N THR A 235 11.66 -8.56 10.64
CA THR A 235 11.12 -9.47 9.62
C THR A 235 11.18 -8.69 8.29
N PRO A 236 11.25 -9.41 7.16
CA PRO A 236 11.50 -8.74 5.88
C PRO A 236 10.19 -8.25 5.20
N ASN A 237 9.03 -8.72 5.68
CA ASN A 237 7.77 -8.38 5.08
C ASN A 237 6.61 -8.92 5.92
N VAL A 238 5.46 -8.26 5.78
CA VAL A 238 4.19 -8.52 6.49
C VAL A 238 4.19 -7.80 7.84
N SER A 239 3.12 -7.07 8.11
CA SER A 239 3.01 -6.27 9.30
C SER A 239 1.62 -6.49 9.93
N VAL A 240 1.41 -5.93 11.11
CA VAL A 240 0.13 -6.19 11.77
C VAL A 240 -0.31 -4.94 12.53
N VAL A 241 -1.59 -4.61 12.39
CA VAL A 241 -2.20 -3.53 13.14
C VAL A 241 -2.82 -4.06 14.44
N ASP A 242 -2.58 -3.33 15.52
CA ASP A 242 -3.12 -3.63 16.83
C ASP A 242 -3.93 -2.38 17.22
N LEU A 243 -5.26 -2.47 17.12
CA LEU A 243 -6.12 -1.29 17.27
C LEU A 243 -6.92 -1.36 18.58
N THR A 244 -6.69 -0.40 19.47
CA THR A 244 -7.45 -0.38 20.73
C THR A 244 -8.52 0.70 20.66
N VAL A 245 -9.80 0.31 20.76
CA VAL A 245 -10.90 1.27 20.58
C VAL A 245 -11.91 1.23 21.71
N ARG A 246 -12.50 2.40 21.98
CA ARG A 246 -13.62 2.47 22.91
C ARG A 246 -14.86 2.70 22.06
N LEU A 247 -15.93 1.93 22.32
CA LEU A 247 -17.08 1.89 21.44
C LEU A 247 -18.28 2.56 22.08
N GLU A 248 -19.11 3.19 21.25
CA GLU A 248 -20.29 3.88 21.71
C GLU A 248 -21.37 2.83 22.06
N LYS A 249 -21.55 1.85 21.18
CA LYS A 249 -22.58 0.84 21.39
C LYS A 249 -21.91 -0.41 21.94
N ALA A 250 -22.47 -0.98 23.00
CA ALA A 250 -21.92 -2.18 23.58
C ALA A 250 -21.88 -3.28 22.50
N ALA A 251 -20.76 -3.98 22.40
CA ALA A 251 -20.63 -5.07 21.46
C ALA A 251 -19.74 -6.14 22.06
N THR A 252 -20.25 -7.36 22.17
CA THR A 252 -19.42 -8.47 22.61
C THR A 252 -18.37 -8.76 21.54
N TYR A 253 -17.35 -9.53 21.91
CA TYR A 253 -16.36 -9.89 20.93
C TYR A 253 -16.95 -10.71 19.76
N GLU A 254 -17.91 -11.59 20.07
CA GLU A 254 -18.62 -12.33 19.05
C GLU A 254 -19.35 -11.40 18.05
N GLN A 255 -19.99 -10.36 18.56
CA GLN A 255 -20.64 -9.39 17.69
C GLN A 255 -19.62 -8.71 16.76
N ILE A 256 -18.45 -8.42 17.31
CA ILE A 256 -17.40 -7.76 16.54
C ILE A 256 -16.91 -8.72 15.45
N LYS A 257 -16.57 -9.95 15.82
CA LYS A 257 -16.15 -10.95 14.85
C LYS A 257 -17.18 -11.05 13.72
N ALA A 258 -18.45 -11.15 14.09
CA ALA A 258 -19.53 -11.38 13.11
C ALA A 258 -19.61 -10.20 12.13
N ALA A 259 -19.48 -8.99 12.66
CA ALA A 259 -19.55 -7.78 11.83
C ALA A 259 -18.37 -7.71 10.83
N VAL A 260 -17.18 -8.07 11.28
CA VAL A 260 -16.01 -8.07 10.40
C VAL A 260 -16.13 -9.16 9.33
N LYS A 261 -16.52 -10.36 9.76
CA LYS A 261 -16.73 -11.47 8.82
C LYS A 261 -17.78 -11.11 7.77
N ALA A 262 -18.84 -10.43 8.19
CA ALA A 262 -19.90 -10.04 7.26
C ALA A 262 -19.36 -9.11 6.15
N ALA A 263 -18.60 -8.10 6.56
CA ALA A 263 -17.92 -7.20 5.62
C ALA A 263 -16.96 -7.94 4.69
N ALA A 264 -16.14 -8.83 5.25
CA ALA A 264 -15.15 -9.58 4.48
C ALA A 264 -15.82 -10.45 3.41
N GLU A 265 -17.03 -10.92 3.70
CA GLU A 265 -17.76 -11.75 2.73
C GLU A 265 -18.68 -10.93 1.86
N GLY A 266 -18.82 -9.64 2.15
CA GLY A 266 -19.79 -8.80 1.44
C GLY A 266 -19.25 -7.53 0.81
N GLU A 267 -19.68 -6.39 1.32
CA GLU A 267 -19.26 -5.10 0.80
C GLU A 267 -17.72 -4.98 0.60
N MET A 268 -16.92 -5.58 1.50
CA MET A 268 -15.48 -5.38 1.47
C MET A 268 -14.70 -6.63 1.04
N LYS A 269 -15.39 -7.54 0.35
CA LYS A 269 -14.76 -8.76 -0.13
C LYS A 269 -13.54 -8.39 -0.95
N GLY A 270 -12.41 -9.05 -0.70
CA GLY A 270 -11.18 -8.83 -1.50
C GLY A 270 -10.31 -7.70 -0.97
N VAL A 271 -10.89 -6.92 -0.06
CA VAL A 271 -10.19 -5.83 0.64
C VAL A 271 -9.95 -6.25 2.08
N LEU A 272 -11.04 -6.53 2.78
CA LEU A 272 -10.95 -6.98 4.16
C LEU A 272 -11.10 -8.51 4.21
N GLY A 273 -10.22 -9.19 4.93
CA GLY A 273 -10.28 -10.65 5.08
C GLY A 273 -10.61 -10.96 6.53
N TYR A 274 -10.89 -12.23 6.81
CA TYR A 274 -11.27 -12.66 8.17
C TYR A 274 -10.77 -14.08 8.37
N THR A 275 -10.05 -14.33 9.44
CA THR A 275 -9.63 -15.70 9.72
C THR A 275 -9.86 -16.02 11.19
N GLU A 276 -10.05 -17.32 11.47
CA GLU A 276 -10.08 -17.82 12.84
C GLU A 276 -8.98 -18.86 13.04
N ASP A 277 -8.05 -18.94 12.09
CA ASP A 277 -6.95 -19.92 12.16
C ASP A 277 -5.76 -19.41 13.02
N ASP A 278 -4.85 -20.31 13.36
CA ASP A 278 -3.71 -19.99 14.26
C ASP A 278 -2.57 -19.43 13.43
N VAL A 279 -2.79 -18.26 12.85
CA VAL A 279 -1.88 -17.71 11.85
C VAL A 279 -0.72 -16.94 12.44
N VAL A 280 0.36 -16.85 11.66
CA VAL A 280 1.52 -16.02 11.99
C VAL A 280 1.88 -15.17 10.74
N SER A 281 2.80 -14.23 10.87
CA SER A 281 2.98 -13.25 9.80
C SER A 281 3.29 -13.90 8.44
N THR A 282 4.12 -14.94 8.42
CA THR A 282 4.46 -15.51 7.10
C THR A 282 3.27 -16.10 6.36
N ASP A 283 2.20 -16.37 7.10
CA ASP A 283 0.99 -16.91 6.44
C ASP A 283 0.34 -15.86 5.53
N PHE A 284 0.79 -14.61 5.64
CA PHE A 284 0.26 -13.53 4.80
C PHE A 284 1.24 -13.01 3.77
N ASN A 285 2.37 -13.71 3.62
CA ASN A 285 3.29 -13.30 2.58
C ASN A 285 2.63 -13.57 1.23
N GLY A 286 2.34 -12.52 0.45
CA GLY A 286 1.58 -12.70 -0.79
C GLY A 286 0.09 -12.39 -0.66
N GLU A 287 -0.34 -11.98 0.53
CA GLU A 287 -1.76 -11.64 0.75
C GLU A 287 -2.23 -10.42 -0.06
N VAL A 288 -3.36 -10.60 -0.77
CA VAL A 288 -3.93 -9.53 -1.59
C VAL A 288 -4.91 -8.62 -0.83
N CYS A 289 -5.67 -9.18 0.13
CA CYS A 289 -6.49 -8.33 1.00
C CYS A 289 -5.56 -7.37 1.75
N THR A 290 -5.97 -6.11 1.84
CA THR A 290 -5.17 -5.10 2.55
C THR A 290 -5.35 -5.11 4.07
N SER A 291 -6.27 -5.93 4.58
CA SER A 291 -6.52 -5.99 6.03
C SER A 291 -7.12 -7.38 6.33
N VAL A 292 -6.42 -8.26 7.05
CA VAL A 292 -7.03 -9.56 7.39
C VAL A 292 -7.19 -9.67 8.90
N PHE A 293 -8.45 -9.57 9.33
CA PHE A 293 -8.82 -9.63 10.76
C PHE A 293 -8.49 -11.00 11.34
N ASP A 294 -7.79 -11.01 12.46
CA ASP A 294 -7.34 -12.22 13.16
C ASP A 294 -8.25 -12.41 14.40
N ALA A 295 -9.27 -13.26 14.28
CA ALA A 295 -10.30 -13.37 15.34
C ALA A 295 -9.69 -13.84 16.65
N LYS A 296 -8.83 -14.87 16.59
CA LYS A 296 -8.33 -15.49 17.81
C LYS A 296 -7.31 -14.62 18.54
N ALA A 297 -6.67 -13.68 17.82
CA ALA A 297 -5.61 -12.86 18.43
C ALA A 297 -6.14 -11.66 19.23
N GLY A 298 -7.31 -11.15 18.87
CA GLY A 298 -7.89 -9.99 19.55
C GLY A 298 -8.38 -10.31 20.96
N ILE A 299 -8.62 -9.28 21.75
CA ILE A 299 -9.10 -9.47 23.12
C ILE A 299 -9.97 -8.29 23.56
N ALA A 300 -11.11 -8.58 24.19
CA ALA A 300 -11.94 -7.51 24.73
C ALA A 300 -11.76 -7.42 26.26
N LEU A 301 -11.61 -6.22 26.80
CA LEU A 301 -11.70 -6.09 28.24
C LEU A 301 -13.18 -6.14 28.67
N ASN A 302 -14.01 -5.38 27.95
CA ASN A 302 -15.44 -5.35 28.23
C ASN A 302 -16.17 -5.01 26.93
N ASP A 303 -17.48 -4.86 27.00
CA ASP A 303 -18.30 -4.64 25.78
C ASP A 303 -18.07 -3.30 25.09
N ASN A 304 -17.28 -2.42 25.71
CA ASN A 304 -17.02 -1.11 25.11
C ASN A 304 -15.54 -0.76 24.94
N PHE A 305 -14.66 -1.73 25.14
CA PHE A 305 -13.21 -1.47 25.12
C PHE A 305 -12.52 -2.75 24.67
N VAL A 306 -11.91 -2.70 23.48
CA VAL A 306 -11.43 -3.90 22.82
C VAL A 306 -10.14 -3.65 22.02
N LYS A 307 -9.31 -4.69 21.86
CA LYS A 307 -8.11 -4.62 21.05
C LYS A 307 -8.25 -5.59 19.87
N LEU A 308 -8.19 -5.05 18.66
CA LEU A 308 -8.43 -5.82 17.43
C LEU A 308 -7.13 -5.93 16.66
N VAL A 309 -6.94 -7.05 15.97
CA VAL A 309 -5.68 -7.39 15.33
C VAL A 309 -5.96 -7.68 13.85
N SER A 310 -5.21 -7.01 12.97
CA SER A 310 -5.38 -7.22 11.53
C SER A 310 -4.04 -7.18 10.79
N TRP A 311 -3.84 -8.19 9.95
CA TRP A 311 -2.60 -8.43 9.22
C TRP A 311 -2.62 -7.75 7.87
N TYR A 312 -1.43 -7.38 7.36
CA TYR A 312 -1.31 -6.90 6.00
C TYR A 312 0.08 -7.21 5.44
N ASP A 313 0.13 -7.66 4.19
CA ASP A 313 1.40 -7.79 3.49
C ASP A 313 1.66 -6.36 2.98
N ASN A 314 2.56 -5.66 3.65
CA ASN A 314 2.79 -4.24 3.36
C ASN A 314 3.31 -4.00 1.93
N GLU A 315 3.79 -5.04 1.25
CA GLU A 315 4.16 -4.90 -0.17
C GLU A 315 2.99 -5.25 -1.10
N THR A 316 2.47 -6.45 -0.94
CA THR A 316 1.52 -7.04 -1.91
C THR A 316 0.13 -6.43 -1.85
N GLY A 317 -0.44 -6.29 -0.65
CA GLY A 317 -1.82 -5.74 -0.61
C GLY A 317 -1.85 -4.33 -1.18
N TYR A 318 -0.96 -3.49 -0.66
CA TYR A 318 -0.90 -2.10 -1.11
C TYR A 318 -0.71 -2.03 -2.64
N SER A 319 0.20 -2.83 -3.17
CA SER A 319 0.48 -2.82 -4.63
C SER A 319 -0.71 -3.20 -5.49
N ASN A 320 -1.44 -4.23 -5.06
CA ASN A 320 -2.69 -4.60 -5.74
C ASN A 320 -3.73 -3.49 -5.70
N LYS A 321 -3.80 -2.78 -4.58
CA LYS A 321 -4.80 -1.71 -4.47
C LYS A 321 -4.38 -0.44 -5.23
N VAL A 322 -3.08 -0.23 -5.43
CA VAL A 322 -2.63 0.81 -6.37
C VAL A 322 -3.24 0.56 -7.75
N LEU A 323 -3.16 -0.68 -8.20
CA LEU A 323 -3.76 -1.07 -9.47
C LEU A 323 -5.28 -0.92 -9.43
N ASP A 324 -5.90 -1.32 -8.32
CA ASP A 324 -7.34 -1.11 -8.19
C ASP A 324 -7.71 0.36 -8.35
N LEU A 325 -6.90 1.26 -7.79
CA LEU A 325 -7.20 2.70 -7.87
C LEU A 325 -7.02 3.20 -9.32
N ILE A 326 -5.96 2.74 -9.97
CA ILE A 326 -5.75 3.03 -11.40
C ILE A 326 -6.98 2.65 -12.23
N ALA A 327 -7.48 1.44 -12.03
CA ALA A 327 -8.68 1.01 -12.75
C ALA A 327 -9.87 1.87 -12.35
N HIS A 328 -9.95 2.20 -11.07
CA HIS A 328 -11.10 2.95 -10.59
C HIS A 328 -11.19 4.34 -11.21
N ILE A 329 -10.06 5.05 -11.25
CA ILE A 329 -10.08 6.42 -11.79
C ILE A 329 -10.17 6.44 -13.31
N SER A 330 -10.00 5.28 -13.92
CA SER A 330 -10.05 5.17 -15.38
C SER A 330 -11.43 4.74 -15.89
N LYS A 331 -12.36 4.49 -14.99
CA LYS A 331 -13.71 4.09 -15.41
C LYS A 331 -14.32 5.06 -16.43
#